data_6LBM
#
_entry.id   6LBM
#
_cell.length_a   96.521
_cell.length_b   42.656
_cell.length_c   103.277
_cell.angle_alpha   90.000
_cell.angle_beta   103.160
_cell.angle_gamma   90.000
#
_symmetry.space_group_name_H-M   'C 1 2 1'
#
loop_
_entity.id
_entity.type
_entity.pdbx_description
1 polymer 'Forkhead box protein C2'
2 polymer IRE0
3 non-polymer 'MAGNESIUM ION'
4 water water
#
loop_
_entity_poly.entity_id
_entity_poly.type
_entity_poly.pdbx_seq_one_letter_code
_entity_poly.pdbx_strand_id
1 'polypeptide(L)'
;GPKPPYSYIALITMAIQNAPEKKITLNGIYQFIMDRFPFYRENKQGWQNSIRHNLSLNECFVKVPRDDKKPGKGSYWTLD
PDSYNMFENGSFLRRRRRFKKKD
;
C
2 'polydeoxyribonucleotide' (DG)(DG)(DT)(DG)(DT)(DA)(DA)(DA)(DC)(DA)(DT)(DG)(DT)(DT)(DT)(DA)(DC)(DA)(DC)(DC) A,B
#
# COMPACT_ATOMS: atom_id res chain seq x y z
N PRO A 2 8.83 3.75 -18.23
CA PRO A 2 9.14 4.64 -17.10
C PRO A 2 8.33 4.32 -15.85
N LYS A 3 8.71 4.94 -14.74
CA LYS A 3 8.06 4.72 -13.45
C LYS A 3 6.80 5.59 -13.33
N PRO A 4 5.73 5.05 -12.75
CA PRO A 4 4.53 5.88 -12.54
C PRO A 4 4.79 6.91 -11.45
N PRO A 5 4.05 8.02 -11.46
CA PRO A 5 4.30 9.11 -10.51
C PRO A 5 3.78 8.87 -9.09
N TYR A 6 3.27 7.69 -8.77
CA TYR A 6 2.67 7.46 -7.46
C TYR A 6 3.76 7.07 -6.46
N SER A 7 3.65 7.61 -5.25
CA SER A 7 4.57 7.25 -4.19
C SER A 7 4.23 5.85 -3.65
N TYR A 8 5.21 5.25 -2.97
CA TYR A 8 4.98 3.95 -2.37
C TYR A 8 3.83 4.00 -1.37
N ILE A 9 3.72 5.09 -0.61
CA ILE A 9 2.57 5.28 0.27
C ILE A 9 1.27 5.22 -0.53
N ALA A 10 1.27 5.83 -1.72
CA ALA A 10 0.11 5.74 -2.58
C ALA A 10 -0.10 4.31 -3.05
N LEU A 11 0.96 3.68 -3.58
CA LEU A 11 0.86 2.30 -4.05
C LEU A 11 0.26 1.39 -2.98
N ILE A 12 0.77 1.49 -1.74
CA ILE A 12 0.26 0.63 -0.68
C ILE A 12 -1.17 1.01 -0.33
N THR A 13 -1.47 2.30 -0.28
CA THR A 13 -2.84 2.71 0.00
C THR A 13 -3.79 2.20 -1.07
N MET A 14 -3.44 2.36 -2.35
CA MET A 14 -4.31 1.89 -3.42
C MET A 14 -4.60 0.40 -3.29
N ALA A 15 -3.58 -0.39 -2.92
CA ALA A 15 -3.77 -1.82 -2.72
C ALA A 15 -4.77 -2.08 -1.60
N ILE A 16 -4.59 -1.42 -0.46
CA ILE A 16 -5.46 -1.65 0.69
C ILE A 16 -6.88 -1.22 0.38
N GLN A 17 -7.05 -0.05 -0.26
CA GLN A 17 -8.39 0.40 -0.60
C GLN A 17 -9.05 -0.48 -1.64
N ASN A 18 -8.27 -1.25 -2.40
CA ASN A 18 -8.81 -2.05 -3.48
C ASN A 18 -9.35 -3.38 -2.97
N ALA A 19 -8.85 -3.88 -1.86
CA ALA A 19 -9.28 -5.18 -1.36
C ALA A 19 -10.74 -5.10 -0.93
N PRO A 20 -11.54 -6.13 -1.21
CA PRO A 20 -12.95 -6.08 -0.80
C PRO A 20 -13.13 -6.02 0.70
N GLU A 21 -12.17 -6.55 1.46
CA GLU A 21 -12.22 -6.51 2.91
C GLU A 21 -11.32 -5.43 3.51
N LYS A 22 -10.71 -4.60 2.66
CA LYS A 22 -9.82 -3.52 3.09
C LYS A 22 -8.60 -4.02 3.86
N LYS A 23 -8.33 -5.32 3.78
CA LYS A 23 -7.13 -5.91 4.36
C LYS A 23 -6.39 -6.65 3.25
N ILE A 24 -5.07 -6.64 3.30
CA ILE A 24 -4.29 -7.22 2.21
C ILE A 24 -2.99 -7.78 2.75
N THR A 25 -2.61 -8.91 2.18
CA THR A 25 -1.35 -9.56 2.43
C THR A 25 -0.22 -8.68 1.91
N LEU A 26 0.97 -8.85 2.48
CA LEU A 26 2.12 -8.14 1.97
C LEU A 26 2.34 -8.48 0.51
N ASN A 27 2.35 -9.78 0.20
CA ASN A 27 2.53 -10.19 -1.19
C ASN A 27 1.31 -9.84 -2.03
N GLY A 28 0.12 -9.78 -1.42
CA GLY A 28 -1.00 -9.18 -2.09
C GLY A 28 -0.72 -7.76 -2.55
N ILE A 29 0.09 -7.02 -1.79
CA ILE A 29 0.50 -5.70 -2.22
C ILE A 29 1.46 -5.79 -3.40
N TYR A 30 2.35 -6.79 -3.40
CA TYR A 30 3.25 -7.01 -4.53
C TYR A 30 2.46 -7.30 -5.79
N GLN A 31 1.60 -8.32 -5.74
CA GLN A 31 0.81 -8.70 -6.91
C GLN A 31 -0.02 -7.54 -7.44
N PHE A 32 -0.62 -6.76 -6.53
CA PHE A 32 -1.44 -5.62 -6.95
C PHE A 32 -0.62 -4.63 -7.76
N ILE A 33 0.60 -4.34 -7.33
CA ILE A 33 1.38 -3.29 -7.97
C ILE A 33 1.83 -3.73 -9.37
N MET A 34 2.39 -4.93 -9.48
CA MET A 34 2.88 -5.39 -10.77
C MET A 34 1.74 -5.60 -11.75
N ASP A 35 0.58 -6.04 -11.27
CA ASP A 35 -0.57 -6.19 -12.15
C ASP A 35 -1.01 -4.84 -12.71
N ARG A 36 -0.98 -3.80 -11.89
CA ARG A 36 -1.43 -2.47 -12.26
C ARG A 36 -0.36 -1.65 -12.96
N PHE A 37 0.90 -1.80 -12.55
CA PHE A 37 2.01 -1.00 -13.06
C PHE A 37 3.12 -1.93 -13.54
N PRO A 38 3.18 -2.24 -14.84
CA PRO A 38 4.17 -3.21 -15.32
C PRO A 38 5.62 -2.78 -15.11
N PHE A 39 5.86 -1.53 -14.72
CA PHE A 39 7.23 -1.10 -14.44
C PHE A 39 7.86 -1.97 -13.36
N TYR A 40 7.07 -2.44 -12.41
CA TYR A 40 7.58 -3.07 -11.20
C TYR A 40 7.76 -4.58 -11.34
N ARG A 41 7.64 -5.14 -12.54
CA ARG A 41 8.06 -6.51 -12.74
C ARG A 41 9.58 -6.65 -12.87
N GLU A 42 10.31 -5.54 -12.88
CA GLU A 42 11.76 -5.56 -13.01
C GLU A 42 12.40 -5.30 -11.65
N ASN A 43 13.52 -5.99 -11.40
CA ASN A 43 14.34 -5.78 -10.21
C ASN A 43 13.48 -5.64 -8.96
N LYS A 44 12.78 -6.73 -8.65
CA LYS A 44 11.82 -6.71 -7.54
C LYS A 44 12.51 -6.36 -6.24
N GLN A 45 13.74 -6.85 -6.05
CA GLN A 45 14.40 -6.73 -4.75
C GLN A 45 14.56 -5.29 -4.31
N GLY A 46 14.66 -4.36 -5.25
CA GLY A 46 14.80 -2.96 -4.88
C GLY A 46 13.51 -2.36 -4.36
N TRP A 47 12.45 -2.39 -5.17
CA TRP A 47 11.23 -1.69 -4.80
C TRP A 47 10.40 -2.46 -3.80
N GLN A 48 10.50 -3.80 -3.80
CA GLN A 48 9.74 -4.56 -2.82
C GLN A 48 10.28 -4.33 -1.42
N ASN A 49 11.56 -4.00 -1.29
CA ASN A 49 12.09 -3.65 0.03
C ASN A 49 11.51 -2.32 0.49
N SER A 50 11.33 -1.37 -0.43
CA SER A 50 10.73 -0.10 -0.05
C SER A 50 9.29 -0.28 0.42
N ILE A 51 8.56 -1.22 -0.18
CA ILE A 51 7.20 -1.52 0.27
C ILE A 51 7.23 -2.00 1.73
N ARG A 52 8.06 -3.00 2.01
CA ARG A 52 8.23 -3.44 3.40
C ARG A 52 8.60 -2.28 4.30
N HIS A 53 9.56 -1.47 3.86
CA HIS A 53 10.07 -0.38 4.67
C HIS A 53 8.98 0.63 4.99
N ASN A 54 8.12 0.95 4.02
CA ASN A 54 7.09 1.95 4.25
C ASN A 54 6.02 1.45 5.22
N LEU A 55 5.69 0.17 5.16
CA LEU A 55 4.63 -0.36 6.02
C LEU A 55 4.99 -0.22 7.50
N SER A 56 6.27 -0.39 7.83
CA SER A 56 6.67 -0.33 9.23
C SER A 56 6.90 1.11 9.68
N LEU A 57 7.45 1.93 8.80
CA LEU A 57 7.78 3.32 9.12
C LEU A 57 6.53 4.11 9.48
N ASN A 58 5.63 4.28 8.52
CA ASN A 58 4.50 5.17 8.69
C ASN A 58 3.48 4.54 9.65
N GLU A 59 3.06 5.33 10.65
CA GLU A 59 2.02 4.87 11.56
C GLU A 59 0.65 4.81 10.90
N CYS A 60 0.55 5.15 9.62
CA CYS A 60 -0.71 5.09 8.88
C CYS A 60 -1.03 3.66 8.43
N PHE A 61 -0.03 2.87 8.11
CA PHE A 61 -0.20 1.45 7.81
C PHE A 61 0.00 0.66 9.09
N VAL A 62 -1.07 0.11 9.64
CA VAL A 62 -1.01 -0.68 10.87
C VAL A 62 -1.23 -2.15 10.51
N LYS A 63 -0.37 -3.01 11.03
CA LYS A 63 -0.49 -4.44 10.82
C LYS A 63 -1.46 -5.04 11.82
N VAL A 64 -2.47 -5.75 11.31
CA VAL A 64 -3.41 -6.46 12.17
C VAL A 64 -3.17 -7.95 12.03
N PRO A 65 -3.34 -8.74 13.08
CA PRO A 65 -3.09 -10.18 12.99
C PRO A 65 -4.10 -10.85 12.05
N ARG A 66 -3.70 -12.01 11.52
CA ARG A 66 -4.62 -12.82 10.76
C ARG A 66 -5.78 -13.24 11.63
N ASP A 67 -7.01 -13.06 11.11
CA ASP A 67 -8.21 -13.50 11.82
C ASP A 67 -8.02 -14.90 12.39
N ASP A 68 -7.53 -15.81 11.54
CA ASP A 68 -6.93 -17.07 11.97
C ASP A 68 -5.93 -17.45 10.89
N LYS A 69 -5.34 -18.64 11.02
CA LYS A 69 -4.47 -19.10 9.95
C LYS A 69 -5.31 -19.52 8.74
N LYS A 70 -4.63 -19.65 7.60
CA LYS A 70 -5.26 -19.97 6.31
C LYS A 70 -6.09 -18.80 5.77
N GLY A 74 2.08 -14.24 5.87
CA GLY A 74 2.26 -13.21 6.86
C GLY A 74 0.97 -12.72 7.48
N SER A 75 0.93 -11.45 7.88
CA SER A 75 -0.24 -10.85 8.48
C SER A 75 -0.81 -9.77 7.58
N TYR A 76 -2.09 -9.46 7.80
CA TYR A 76 -2.80 -8.49 6.97
C TYR A 76 -2.34 -7.07 7.28
N TRP A 77 -2.37 -6.23 6.26
CA TRP A 77 -2.04 -4.82 6.35
C TRP A 77 -3.29 -3.98 6.11
N THR A 78 -3.53 -3.04 7.00
CA THR A 78 -4.69 -2.16 6.97
C THR A 78 -4.25 -0.70 6.90
N LEU A 79 -5.22 0.20 6.86
CA LEU A 79 -4.98 1.64 6.99
C LEU A 79 -5.49 2.11 8.35
N ASP A 80 -4.69 2.89 9.05
CA ASP A 80 -5.19 3.59 10.22
C ASP A 80 -6.31 4.53 9.79
N PRO A 81 -7.47 4.50 10.45
CA PRO A 81 -8.62 5.28 9.98
C PRO A 81 -8.34 6.78 9.83
N ASP A 82 -7.32 7.31 10.51
CA ASP A 82 -6.96 8.71 10.30
C ASP A 82 -6.46 8.96 8.88
N SER A 83 -5.68 8.03 8.34
CA SER A 83 -5.03 8.18 7.06
C SER A 83 -5.70 7.36 5.95
N TYR A 84 -7.00 7.06 6.11
CA TYR A 84 -7.71 6.42 5.01
C TYR A 84 -7.86 7.36 3.82
N ASN A 85 -8.04 8.65 4.08
CA ASN A 85 -8.16 9.63 3.01
C ASN A 85 -7.00 10.62 3.03
N MET A 86 -5.78 10.09 3.08
CA MET A 86 -4.60 10.95 2.90
C MET A 86 -4.74 11.75 1.62
N PHE A 87 -5.15 11.09 0.56
CA PHE A 87 -5.37 11.69 -0.74
C PHE A 87 -6.87 11.96 -0.88
N GLU A 88 -7.22 13.20 -1.26
CA GLU A 88 -8.60 13.66 -1.21
C GLU A 88 -9.42 13.24 -2.42
N ASN A 89 -8.86 13.32 -3.62
CA ASN A 89 -9.64 13.20 -4.85
C ASN A 89 -9.53 11.83 -5.49
N GLY A 90 -8.81 10.90 -4.88
CA GLY A 90 -8.60 9.62 -5.53
C GLY A 90 -7.73 9.70 -6.76
N SER A 91 -7.04 10.83 -6.95
CA SER A 91 -6.02 10.93 -7.98
C SER A 91 -4.70 10.33 -7.51
N PHE A 92 -4.49 10.29 -6.19
CA PHE A 92 -3.29 9.74 -5.58
C PHE A 92 -2.02 10.45 -6.06
N LEU A 93 -2.16 11.72 -6.43
CA LEU A 93 -1.00 12.50 -6.81
C LEU A 93 -0.45 13.24 -5.60
N ARG A 94 -1.30 13.98 -4.89
CA ARG A 94 -0.87 14.76 -3.75
C ARG A 94 -1.72 14.43 -2.54
N ARG A 95 -1.14 14.67 -1.36
CA ARG A 95 -1.83 14.48 -0.09
C ARG A 95 -2.41 15.80 0.36
N ARG A 96 -3.70 15.80 0.72
CA ARG A 96 -4.30 17.01 1.24
C ARG A 96 -3.89 17.20 2.69
N ARG A 97 -3.86 18.46 3.12
CA ARG A 97 -3.27 18.84 4.39
C ARG A 97 -4.34 18.93 5.49
N ARG A 98 -3.86 19.01 6.74
CA ARG A 98 -4.71 19.25 7.90
C ARG A 98 -3.90 19.70 9.11
N PHE A 99 -4.41 19.41 10.31
CA PHE A 99 -3.92 19.93 11.60
C PHE A 99 -4.19 21.42 11.72
#